data_1D2A
#
_entry.id   1D2A
#
_cell.length_a   51.492
_cell.length_b   63.272
_cell.length_c   97.590
_cell.angle_alpha   90.00
_cell.angle_beta   90.00
_cell.angle_gamma   90.00
#
_symmetry.space_group_name_H-M   'P 21 21 21'
#
loop_
_entity.id
_entity.type
_entity.pdbx_description
1 polymer 'TYROSINE PHOSPHATASE'
2 non-polymer 'PHOSPHATE ION'
3 non-polymer 'CHLORIDE ION'
4 non-polymer ADENINE
5 water water
#
_entity_poly.entity_id   1
_entity_poly.type   'polypeptide(L)'
_entity_poly.pdbx_seq_one_letter_code
;TIEKPKISVAFIALGNFCRSPMAEAIFKHEVEKANLENRFNKIDSFGTSNYHVGESPDHRTVSICKQHGVKINHKGKQIK
TKHFDEYDYIIGMDESNINNLKKIQPEGSKAKVCLFGDWNTNDGTVQTIIEDPWYGDIQDFEYNFKQITYFSKQFLKKEL
;
_entity_poly.pdbx_strand_id   A,B
#
# COMPACT_ATOMS: atom_id res chain seq x y z
N PRO A 5 23.07 -26.99 9.07
CA PRO A 5 22.98 -25.53 9.31
C PRO A 5 21.76 -25.01 8.57
N LYS A 6 20.80 -24.48 9.30
CA LYS A 6 19.59 -23.97 8.68
C LYS A 6 19.93 -22.98 7.56
N ILE A 7 19.00 -22.82 6.62
CA ILE A 7 19.24 -21.86 5.56
C ILE A 7 18.19 -20.77 5.67
N SER A 8 18.59 -19.59 5.21
CA SER A 8 17.72 -18.43 5.21
C SER A 8 17.46 -18.05 3.75
N VAL A 9 16.19 -17.79 3.45
CA VAL A 9 15.75 -17.44 2.11
C VAL A 9 14.96 -16.14 2.09
N ALA A 10 15.27 -15.31 1.11
CA ALA A 10 14.57 -14.06 0.95
C ALA A 10 14.11 -14.00 -0.50
N PHE A 11 12.82 -13.75 -0.69
CA PHE A 11 12.24 -13.63 -2.01
C PHE A 11 12.19 -12.11 -2.19
N ILE A 12 12.80 -11.61 -3.27
CA ILE A 12 12.84 -10.17 -3.48
C ILE A 12 12.54 -9.79 -4.90
N ALA A 13 11.56 -8.91 -5.07
CA ALA A 13 11.19 -8.45 -6.40
C ALA A 13 11.25 -6.92 -6.40
N LEU A 14 10.29 -6.28 -7.04
CA LEU A 14 10.33 -4.82 -7.14
C LEU A 14 9.53 -4.10 -6.09
N GLY A 15 8.23 -4.34 -6.08
CA GLY A 15 7.41 -3.64 -5.11
C GLY A 15 7.11 -4.32 -3.78
N ASN A 16 7.52 -5.58 -3.62
CA ASN A 16 7.22 -6.35 -2.40
C ASN A 16 5.73 -6.19 -2.08
N PHE A 17 4.93 -6.26 -3.14
CA PHE A 17 3.51 -6.08 -3.01
C PHE A 17 2.70 -7.26 -3.59
N CYS A 18 3.13 -7.78 -4.72
CA CYS A 18 2.38 -8.86 -5.37
C CYS A 18 2.99 -10.22 -5.25
N ARG A 19 4.06 -10.45 -6.01
CA ARG A 19 4.74 -11.73 -6.06
C ARG A 19 5.64 -12.10 -4.91
N SER A 20 6.48 -11.20 -4.44
CA SER A 20 7.40 -11.58 -3.38
C SER A 20 6.70 -11.97 -2.08
N PRO A 21 5.67 -11.23 -1.67
CA PRO A 21 4.98 -11.62 -0.43
C PRO A 21 4.24 -12.96 -0.63
N MET A 22 3.75 -13.20 -1.86
CA MET A 22 3.06 -14.44 -2.16
C MET A 22 4.07 -15.59 -2.09
N ALA A 23 5.26 -15.38 -2.65
CA ALA A 23 6.31 -16.40 -2.64
C ALA A 23 6.77 -16.73 -1.21
N GLU A 24 6.90 -15.70 -0.37
CA GLU A 24 7.34 -15.94 1.01
C GLU A 24 6.28 -16.78 1.74
N ALA A 25 5.01 -16.43 1.52
CA ALA A 25 3.88 -17.13 2.15
C ALA A 25 3.73 -18.58 1.68
N ILE A 26 3.79 -18.78 0.37
CA ILE A 26 3.66 -20.13 -0.20
C ILE A 26 4.85 -20.99 0.18
N PHE A 27 6.05 -20.43 0.14
CA PHE A 27 7.24 -21.20 0.50
C PHE A 27 7.14 -21.66 1.96
N LYS A 28 6.74 -20.76 2.86
CA LYS A 28 6.61 -21.12 4.28
C LYS A 28 5.59 -22.26 4.44
N HIS A 29 4.51 -22.16 3.69
CA HIS A 29 3.43 -23.13 3.68
C HIS A 29 3.89 -24.51 3.19
N GLU A 30 4.73 -24.55 2.16
CA GLU A 30 5.24 -25.79 1.63
C GLU A 30 6.30 -26.37 2.58
N VAL A 31 7.09 -25.49 3.19
CA VAL A 31 8.11 -25.92 4.14
C VAL A 31 7.36 -26.64 5.28
N GLU A 32 6.31 -26.01 5.81
CA GLU A 32 5.50 -26.60 6.87
C GLU A 32 4.86 -27.92 6.41
N LYS A 33 4.18 -27.89 5.27
CA LYS A 33 3.55 -29.11 4.75
C LYS A 33 4.55 -30.24 4.58
N ALA A 34 5.79 -29.91 4.20
CA ALA A 34 6.82 -30.92 4.02
C ALA A 34 7.45 -31.31 5.36
N ASN A 35 7.05 -30.62 6.44
CA ASN A 35 7.56 -30.88 7.79
C ASN A 35 9.07 -30.62 7.87
N LEU A 36 9.53 -29.58 7.19
CA LEU A 36 10.97 -29.28 7.14
C LEU A 36 11.35 -27.95 7.77
N GLU A 37 10.48 -27.43 8.60
CA GLU A 37 10.72 -26.16 9.27
C GLU A 37 12.04 -26.12 10.02
N ASN A 38 12.53 -27.29 10.42
CA ASN A 38 13.78 -27.40 11.19
C ASN A 38 15.02 -27.07 10.35
N ARG A 39 14.90 -27.19 9.02
CA ARG A 39 16.02 -26.91 8.12
C ARG A 39 16.20 -25.41 7.80
N PHE A 40 15.24 -24.59 8.21
CA PHE A 40 15.26 -23.16 7.93
C PHE A 40 15.33 -22.21 9.10
N ASN A 41 16.06 -21.11 8.88
CA ASN A 41 16.17 -20.07 9.90
C ASN A 41 15.16 -18.97 9.53
N LYS A 42 15.51 -18.10 8.56
CA LYS A 42 14.58 -17.05 8.15
C LYS A 42 14.06 -17.24 6.73
N ILE A 43 12.80 -16.88 6.52
CA ILE A 43 12.16 -16.95 5.21
C ILE A 43 11.43 -15.62 5.18
N ASP A 44 11.89 -14.72 4.31
CA ASP A 44 11.33 -13.40 4.20
C ASP A 44 11.15 -12.93 2.78
N SER A 45 10.61 -11.74 2.62
CA SER A 45 10.45 -11.14 1.30
C SER A 45 10.69 -9.63 1.39
N PHE A 46 11.31 -9.09 0.36
CA PHE A 46 11.62 -7.67 0.26
C PHE A 46 11.38 -7.19 -1.17
N GLY A 47 11.49 -5.89 -1.38
CA GLY A 47 11.35 -5.32 -2.71
C GLY A 47 12.55 -4.41 -2.92
N THR A 48 13.00 -4.22 -4.16
CA THR A 48 14.14 -3.34 -4.37
C THR A 48 13.67 -1.89 -4.21
N SER A 49 12.40 -1.66 -4.43
CA SER A 49 11.82 -0.33 -4.32
C SER A 49 11.17 -0.13 -2.96
N ASN A 50 10.94 1.14 -2.59
CA ASN A 50 10.31 1.49 -1.32
C ASN A 50 8.86 1.86 -1.52
N TYR A 51 8.35 1.64 -2.72
CA TYR A 51 6.99 2.04 -3.03
C TYR A 51 5.84 1.53 -2.15
N HIS A 52 5.96 0.34 -1.60
CA HIS A 52 4.86 -0.19 -0.80
C HIS A 52 5.25 -0.48 0.63
N VAL A 53 6.37 0.09 1.05
CA VAL A 53 6.90 -0.11 2.40
C VAL A 53 5.81 0.17 3.42
N GLY A 54 5.65 -0.73 4.38
CA GLY A 54 4.63 -0.57 5.41
C GLY A 54 3.25 -1.06 5.02
N GLU A 55 3.09 -1.43 3.76
CA GLU A 55 1.77 -1.89 3.30
C GLU A 55 1.56 -3.41 3.26
N SER A 56 0.33 -3.81 3.53
CA SER A 56 -0.08 -5.20 3.47
C SER A 56 -0.07 -5.52 1.96
N PRO A 57 0.06 -6.81 1.61
CA PRO A 57 0.09 -7.16 0.18
C PRO A 57 -1.19 -6.87 -0.61
N ASP A 58 -1.05 -6.89 -1.93
CA ASP A 58 -2.16 -6.67 -2.86
C ASP A 58 -3.32 -7.58 -2.44
N HIS A 59 -4.54 -7.04 -2.39
CA HIS A 59 -5.70 -7.81 -1.98
C HIS A 59 -5.87 -9.07 -2.85
N ARG A 60 -5.41 -9.03 -4.09
CA ARG A 60 -5.55 -10.19 -4.97
C ARG A 60 -4.57 -11.30 -4.57
N THR A 61 -3.40 -10.91 -4.07
CA THR A 61 -2.41 -11.88 -3.61
C THR A 61 -2.95 -12.52 -2.33
N VAL A 62 -3.57 -11.71 -1.48
CA VAL A 62 -4.13 -12.16 -0.22
C VAL A 62 -5.30 -13.13 -0.49
N SER A 63 -6.18 -12.75 -1.42
CA SER A 63 -7.30 -13.59 -1.78
C SER A 63 -6.87 -14.94 -2.33
N ILE A 64 -5.93 -14.92 -3.28
CA ILE A 64 -5.42 -16.17 -3.87
C ILE A 64 -4.83 -17.11 -2.85
N CYS A 65 -4.08 -16.56 -1.90
CA CYS A 65 -3.47 -17.34 -0.84
C CYS A 65 -4.58 -17.93 0.07
N LYS A 66 -5.49 -17.08 0.53
CA LYS A 66 -6.60 -17.52 1.37
C LYS A 66 -7.40 -18.61 0.67
N GLN A 67 -7.64 -18.45 -0.63
CA GLN A 67 -8.39 -19.45 -1.39
C GLN A 67 -7.69 -20.80 -1.40
N HIS A 68 -6.39 -20.81 -1.14
CA HIS A 68 -5.64 -22.05 -1.13
C HIS A 68 -5.24 -22.44 0.29
N GLY A 69 -5.85 -21.79 1.27
CA GLY A 69 -5.51 -22.09 2.65
C GLY A 69 -4.06 -21.81 2.99
N VAL A 70 -3.50 -20.78 2.38
CA VAL A 70 -2.11 -20.41 2.64
C VAL A 70 -2.11 -19.16 3.51
N LYS A 71 -1.49 -19.26 4.68
CA LYS A 71 -1.43 -18.12 5.59
C LYS A 71 -0.50 -17.03 5.05
N ILE A 72 -0.95 -15.78 5.17
CA ILE A 72 -0.13 -14.68 4.73
C ILE A 72 -0.34 -13.44 5.60
N ASN A 73 0.78 -12.89 6.06
CA ASN A 73 0.73 -11.68 6.88
C ASN A 73 2.05 -10.97 6.67
N HIS A 74 2.02 -9.79 6.06
CA HIS A 74 3.25 -9.12 5.75
C HIS A 74 3.10 -7.60 5.60
N LYS A 75 4.21 -6.87 5.80
CA LYS A 75 4.22 -5.43 5.59
C LYS A 75 5.40 -5.15 4.64
N GLY A 76 5.16 -4.36 3.60
CA GLY A 76 6.20 -4.06 2.62
C GLY A 76 7.50 -3.61 3.25
N LYS A 77 8.62 -4.12 2.74
CA LYS A 77 9.94 -3.75 3.27
C LYS A 77 10.96 -3.76 2.14
N GLN A 78 11.92 -2.84 2.20
CA GLN A 78 12.92 -2.71 1.14
C GLN A 78 14.22 -3.44 1.45
N ILE A 79 14.83 -4.02 0.43
CA ILE A 79 16.09 -4.73 0.57
C ILE A 79 17.13 -3.82 1.24
N LYS A 80 18.11 -4.45 1.92
CA LYS A 80 19.20 -3.72 2.55
C LYS A 80 20.47 -4.43 2.13
N THR A 81 21.57 -3.71 2.03
CA THR A 81 22.81 -4.32 1.61
C THR A 81 23.20 -5.49 2.51
N LYS A 82 22.92 -5.39 3.80
CA LYS A 82 23.26 -6.47 4.72
C LYS A 82 22.50 -7.76 4.39
N HIS A 83 21.37 -7.63 3.70
CA HIS A 83 20.59 -8.83 3.38
C HIS A 83 21.37 -9.83 2.55
N PHE A 84 22.40 -9.37 1.85
CA PHE A 84 23.23 -10.27 1.04
C PHE A 84 24.17 -11.15 1.89
N ASP A 85 24.34 -10.81 3.16
CA ASP A 85 25.18 -11.61 4.03
C ASP A 85 24.28 -12.35 5.00
N GLU A 86 23.05 -11.88 5.09
CA GLU A 86 22.05 -12.45 5.98
C GLU A 86 21.42 -13.72 5.44
N TYR A 87 21.10 -13.71 4.15
CA TYR A 87 20.44 -14.85 3.50
C TYR A 87 21.32 -15.72 2.61
N ASP A 88 21.06 -17.02 2.62
CA ASP A 88 21.80 -17.94 1.79
C ASP A 88 21.32 -17.87 0.35
N TYR A 89 20.03 -17.61 0.18
CA TYR A 89 19.41 -17.48 -1.14
C TYR A 89 18.58 -16.21 -1.20
N ILE A 90 18.76 -15.43 -2.27
CA ILE A 90 17.96 -14.22 -2.48
C ILE A 90 17.40 -14.53 -3.86
N ILE A 91 16.10 -14.82 -3.87
CA ILE A 91 15.37 -15.26 -5.04
C ILE A 91 14.44 -14.26 -5.72
N GLY A 92 14.74 -13.96 -6.97
CA GLY A 92 13.92 -13.02 -7.72
C GLY A 92 12.82 -13.72 -8.47
N MET A 93 11.86 -12.93 -8.97
CA MET A 93 10.71 -13.42 -9.72
C MET A 93 10.96 -13.33 -11.23
N ASP A 94 11.52 -12.21 -11.71
CA ASP A 94 11.80 -12.07 -13.13
C ASP A 94 13.23 -11.57 -13.40
N GLU A 95 13.63 -11.55 -14.66
CA GLU A 95 14.98 -11.12 -15.03
C GLU A 95 15.37 -9.70 -14.62
N SER A 96 14.42 -8.77 -14.64
CA SER A 96 14.72 -7.40 -14.24
C SER A 96 15.09 -7.36 -12.74
N ASN A 97 14.52 -8.28 -11.98
CA ASN A 97 14.79 -8.40 -10.54
C ASN A 97 16.27 -8.81 -10.39
N ILE A 98 16.67 -9.82 -11.17
CA ILE A 98 18.04 -10.30 -11.11
C ILE A 98 19.06 -9.22 -11.49
N ASN A 99 18.76 -8.50 -12.57
CA ASN A 99 19.65 -7.42 -13.03
C ASN A 99 19.91 -6.43 -11.89
N ASN A 100 18.83 -5.97 -11.26
CA ASN A 100 18.91 -5.02 -10.16
C ASN A 100 19.65 -5.58 -8.93
N LEU A 101 19.32 -6.81 -8.54
CA LEU A 101 19.98 -7.44 -7.39
C LEU A 101 21.49 -7.64 -7.63
N LYS A 102 21.85 -8.05 -8.85
CA LYS A 102 23.25 -8.30 -9.20
C LYS A 102 24.03 -6.99 -9.19
N LYS A 103 23.35 -5.88 -9.48
CA LYS A 103 24.01 -4.59 -9.49
C LYS A 103 24.16 -4.04 -8.06
N ILE A 104 23.33 -4.51 -7.15
CA ILE A 104 23.36 -4.05 -5.77
C ILE A 104 24.28 -4.94 -4.94
N GLN A 105 24.30 -6.23 -5.24
CA GLN A 105 25.10 -7.17 -4.47
C GLN A 105 26.60 -6.89 -4.25
N PRO A 106 27.02 -6.75 -2.99
CA PRO A 106 28.41 -6.49 -2.65
C PRO A 106 29.22 -7.75 -2.98
N GLU A 107 30.38 -7.58 -3.63
CA GLU A 107 31.21 -8.72 -4.02
C GLU A 107 31.61 -9.51 -2.78
N GLY A 108 31.60 -10.83 -2.88
CA GLY A 108 31.96 -11.65 -1.75
C GLY A 108 30.87 -11.85 -0.69
N SER A 109 29.68 -11.27 -0.89
CA SER A 109 28.64 -11.49 0.10
C SER A 109 28.14 -12.92 -0.15
N LYS A 110 27.69 -13.58 0.91
CA LYS A 110 27.25 -14.96 0.81
C LYS A 110 26.01 -15.30 -0.02
N ALA A 111 25.04 -14.40 -0.05
CA ALA A 111 23.80 -14.65 -0.75
C ALA A 111 23.96 -15.12 -2.18
N LYS A 112 23.23 -16.18 -2.52
CA LYS A 112 23.24 -16.70 -3.86
C LYS A 112 22.01 -16.11 -4.55
N VAL A 113 22.24 -15.15 -5.45
CA VAL A 113 21.13 -14.49 -6.16
C VAL A 113 20.68 -15.35 -7.32
N CYS A 114 19.39 -15.64 -7.37
CA CYS A 114 18.89 -16.46 -8.47
C CYS A 114 17.42 -16.26 -8.74
N LEU A 115 17.00 -16.73 -9.91
CA LEU A 115 15.61 -16.65 -10.34
C LEU A 115 14.92 -17.88 -9.73
N PHE A 116 13.71 -17.72 -9.21
CA PHE A 116 12.99 -18.84 -8.64
C PHE A 116 12.80 -19.92 -9.73
N GLY A 117 12.52 -19.47 -10.95
CA GLY A 117 12.32 -20.37 -12.07
C GLY A 117 13.57 -21.16 -12.41
N ASP A 118 14.67 -20.89 -11.73
CA ASP A 118 15.89 -21.65 -11.99
C ASP A 118 15.61 -23.09 -11.55
N TRP A 119 14.58 -23.25 -10.72
CA TRP A 119 14.25 -24.57 -10.20
C TRP A 119 13.16 -25.23 -11.02
N ASN A 120 12.91 -24.67 -12.19
CA ASN A 120 11.92 -25.24 -13.08
C ASN A 120 12.46 -26.52 -13.69
N THR A 121 11.56 -27.45 -14.03
CA THR A 121 11.99 -28.70 -14.63
C THR A 121 11.89 -28.57 -16.14
N ASN A 122 11.15 -27.55 -16.58
CA ASN A 122 10.97 -27.33 -18.00
C ASN A 122 10.21 -28.53 -18.60
N ASP A 123 9.31 -29.11 -17.81
CA ASP A 123 8.51 -30.25 -18.25
C ASP A 123 7.15 -29.79 -18.78
N GLY A 124 6.98 -28.47 -18.93
CA GLY A 124 5.74 -27.93 -19.46
C GLY A 124 4.71 -27.58 -18.40
N THR A 125 4.90 -28.02 -17.18
CA THR A 125 3.93 -27.72 -16.16
C THR A 125 3.74 -26.21 -15.95
N VAL A 126 4.86 -25.48 -15.84
CA VAL A 126 4.76 -24.02 -15.66
C VAL A 126 5.91 -23.32 -16.38
N GLN A 127 5.71 -22.04 -16.64
CA GLN A 127 6.75 -21.22 -17.27
C GLN A 127 7.74 -20.77 -16.20
N THR A 128 8.96 -20.50 -16.61
CA THR A 128 10.05 -20.09 -15.73
C THR A 128 9.96 -18.70 -15.09
N ILE A 129 9.52 -17.70 -15.87
CA ILE A 129 9.41 -16.34 -15.37
C ILE A 129 8.09 -16.11 -14.65
N ILE A 130 8.19 -15.57 -13.42
CA ILE A 130 7.01 -15.23 -12.65
C ILE A 130 6.73 -13.75 -12.94
N GLU A 131 5.81 -13.52 -13.88
CA GLU A 131 5.44 -12.18 -14.33
C GLU A 131 4.65 -11.38 -13.32
N ASP A 132 4.97 -10.10 -13.25
CA ASP A 132 4.31 -9.16 -12.37
C ASP A 132 2.86 -9.11 -12.82
N PRO A 133 1.91 -9.49 -11.93
CA PRO A 133 0.45 -9.53 -12.13
C PRO A 133 -0.30 -8.23 -11.87
N TRP A 134 0.41 -7.24 -11.32
CA TRP A 134 -0.19 -5.96 -10.94
C TRP A 134 -1.17 -5.33 -11.92
N TYR A 135 -0.74 -5.17 -13.17
CA TYR A 135 -1.58 -4.57 -14.20
C TYR A 135 -2.58 -5.57 -14.81
N GLY A 136 -2.52 -6.83 -14.37
CA GLY A 136 -3.42 -7.84 -14.90
C GLY A 136 -4.67 -8.09 -14.06
N ASP A 137 -5.17 -9.32 -14.09
CA ASP A 137 -6.36 -9.68 -13.33
C ASP A 137 -6.05 -10.80 -12.36
N ILE A 138 -7.05 -11.21 -11.59
CA ILE A 138 -6.83 -12.25 -10.59
C ILE A 138 -6.30 -13.57 -11.17
N GLN A 139 -6.49 -13.79 -12.47
CA GLN A 139 -5.99 -15.02 -13.07
C GLN A 139 -4.47 -14.99 -13.18
N ASP A 140 -3.90 -13.79 -13.20
CA ASP A 140 -2.44 -13.72 -13.29
C ASP A 140 -1.86 -14.06 -11.92
N PHE A 141 -2.58 -13.67 -10.87
CA PHE A 141 -2.17 -13.95 -9.49
C PHE A 141 -2.30 -15.46 -9.29
N GLU A 142 -3.39 -16.03 -9.79
CA GLU A 142 -3.61 -17.47 -9.69
C GLU A 142 -2.46 -18.23 -10.38
N TYR A 143 -2.03 -17.80 -11.56
CA TYR A 143 -0.93 -18.51 -12.24
C TYR A 143 0.38 -18.32 -11.46
N ASN A 144 0.57 -17.15 -10.83
CA ASN A 144 1.78 -16.93 -10.05
C ASN A 144 1.81 -17.95 -8.93
N PHE A 145 0.64 -18.15 -8.31
CA PHE A 145 0.49 -19.11 -7.22
C PHE A 145 0.97 -20.49 -7.66
N LYS A 146 0.47 -20.92 -8.81
CA LYS A 146 0.84 -22.21 -9.37
C LYS A 146 2.36 -22.30 -9.59
N GLN A 147 2.97 -21.27 -10.17
CA GLN A 147 4.43 -21.30 -10.41
C GLN A 147 5.24 -21.36 -9.11
N ILE A 148 4.93 -20.45 -8.18
CA ILE A 148 5.64 -20.39 -6.89
C ILE A 148 5.53 -21.70 -6.09
N THR A 149 4.35 -22.29 -6.07
CA THR A 149 4.14 -23.57 -5.40
C THR A 149 5.04 -24.62 -6.05
N TYR A 150 5.04 -24.67 -7.38
CA TYR A 150 5.87 -25.63 -8.10
C TYR A 150 7.36 -25.47 -7.80
N PHE A 151 7.86 -24.24 -7.89
CA PHE A 151 9.27 -24.01 -7.64
C PHE A 151 9.61 -24.23 -6.17
N SER A 152 8.65 -23.97 -5.29
CA SER A 152 8.87 -24.18 -3.87
C SER A 152 9.21 -25.66 -3.65
N LYS A 153 8.38 -26.55 -4.16
CA LYS A 153 8.60 -27.99 -4.01
C LYS A 153 9.92 -28.43 -4.66
N GLN A 154 10.22 -27.91 -5.86
CA GLN A 154 11.48 -28.26 -6.54
C GLN A 154 12.67 -27.83 -5.65
N PHE A 155 12.59 -26.63 -5.09
CA PHE A 155 13.66 -26.12 -4.22
C PHE A 155 13.88 -27.04 -3.02
N LEU A 156 12.80 -27.40 -2.33
CA LEU A 156 12.90 -28.26 -1.14
C LEU A 156 13.48 -29.60 -1.51
N LYS A 157 13.17 -30.04 -2.72
CA LYS A 157 13.65 -31.30 -3.25
C LYS A 157 15.12 -31.24 -3.66
N LYS A 158 15.56 -30.11 -4.21
CA LYS A 158 16.94 -30.02 -4.67
C LYS A 158 17.97 -29.44 -3.71
N GLU A 159 17.58 -28.43 -2.93
CA GLU A 159 18.49 -27.75 -2.00
C GLU A 159 18.72 -28.37 -0.63
N LEU A 160 17.79 -29.18 -0.16
CA LEU A 160 17.97 -29.74 1.16
C LEU A 160 18.82 -30.99 1.11
N PRO B 5 -9.42 16.27 25.29
CA PRO B 5 -10.01 17.36 24.48
C PRO B 5 -10.12 16.81 23.05
N LYS B 6 -11.34 16.80 22.54
CA LYS B 6 -11.60 16.23 21.20
C LYS B 6 -11.49 17.20 20.01
N ILE B 7 -10.95 16.67 18.91
CA ILE B 7 -10.77 17.43 17.71
C ILE B 7 -11.81 17.13 16.63
N SER B 8 -12.17 18.17 15.87
CA SER B 8 -13.11 18.01 14.77
C SER B 8 -12.32 18.36 13.51
N VAL B 9 -12.33 17.43 12.54
CA VAL B 9 -11.62 17.57 11.26
C VAL B 9 -12.53 17.48 10.02
N ALA B 10 -12.35 18.40 9.09
CA ALA B 10 -13.11 18.40 7.85
C ALA B 10 -12.13 18.41 6.70
N PHE B 11 -12.31 17.49 5.77
CA PHE B 11 -11.46 17.38 4.60
C PHE B 11 -12.24 18.03 3.47
N ILE B 12 -11.58 18.94 2.76
CA ILE B 12 -12.28 19.67 1.72
C ILE B 12 -11.52 19.79 0.40
N ALA B 13 -12.25 19.62 -0.69
CA ALA B 13 -11.65 19.79 -2.00
C ALA B 13 -12.67 20.57 -2.83
N LEU B 14 -12.80 20.21 -4.10
CA LEU B 14 -13.70 20.92 -5.00
C LEU B 14 -15.08 20.27 -5.17
N GLY B 15 -15.11 19.05 -5.70
CA GLY B 15 -16.38 18.41 -5.92
C GLY B 15 -16.89 17.44 -4.87
N ASN B 16 -16.14 17.24 -3.79
CA ASN B 16 -16.51 16.29 -2.71
C ASN B 16 -17.01 15.01 -3.38
N PHE B 17 -16.20 14.48 -4.27
CA PHE B 17 -16.56 13.30 -5.04
C PHE B 17 -15.39 12.33 -5.14
N CYS B 18 -14.19 12.86 -5.31
CA CYS B 18 -13.02 11.99 -5.44
C CYS B 18 -12.06 11.99 -4.27
N ARG B 19 -11.33 13.09 -4.09
CA ARG B 19 -10.33 13.18 -3.03
C ARG B 19 -10.83 13.40 -1.62
N SER B 20 -11.77 14.34 -1.43
CA SER B 20 -12.22 14.64 -0.08
C SER B 20 -12.97 13.48 0.58
N PRO B 21 -13.85 12.78 -0.18
CA PRO B 21 -14.52 11.66 0.51
C PRO B 21 -13.52 10.55 0.79
N MET B 22 -12.50 10.42 -0.04
CA MET B 22 -11.48 9.40 0.16
C MET B 22 -10.63 9.74 1.38
N ALA B 23 -10.35 11.04 1.57
CA ALA B 23 -9.54 11.50 2.69
C ALA B 23 -10.29 11.22 4.00
N GLU B 24 -11.56 11.58 4.05
CA GLU B 24 -12.35 11.35 5.25
C GLU B 24 -12.35 9.86 5.58
N ALA B 25 -12.55 9.02 4.56
CA ALA B 25 -12.58 7.57 4.76
C ALA B 25 -11.26 7.00 5.27
N ILE B 26 -10.16 7.39 4.64
CA ILE B 26 -8.85 6.89 5.04
C ILE B 26 -8.46 7.38 6.44
N PHE B 27 -8.75 8.64 6.73
CA PHE B 27 -8.42 9.19 8.02
C PHE B 27 -9.22 8.47 9.11
N LYS B 28 -10.52 8.30 8.91
CA LYS B 28 -11.33 7.59 9.89
C LYS B 28 -10.71 6.20 10.09
N HIS B 29 -10.33 5.57 8.99
CA HIS B 29 -9.69 4.24 9.00
C HIS B 29 -8.36 4.19 9.77
N GLU B 30 -7.53 5.23 9.62
CA GLU B 30 -6.23 5.23 10.32
C GLU B 30 -6.47 5.54 11.81
N VAL B 31 -7.45 6.38 12.07
CA VAL B 31 -7.83 6.72 13.43
C VAL B 31 -8.23 5.41 14.15
N GLU B 32 -9.09 4.64 13.51
CA GLU B 32 -9.56 3.37 14.05
C GLU B 32 -8.44 2.36 14.25
N LYS B 33 -7.53 2.27 13.27
CA LYS B 33 -6.42 1.36 13.35
C LYS B 33 -5.51 1.69 14.55
N ALA B 34 -5.32 2.98 14.79
CA ALA B 34 -4.48 3.44 15.90
C ALA B 34 -5.26 3.46 17.23
N ASN B 35 -6.54 3.13 17.16
CA ASN B 35 -7.41 3.13 18.33
C ASN B 35 -7.48 4.54 18.93
N LEU B 36 -7.62 5.55 18.08
CA LEU B 36 -7.65 6.93 18.56
C LEU B 36 -9.00 7.62 18.43
N GLU B 37 -10.07 6.83 18.32
CA GLU B 37 -11.41 7.40 18.20
C GLU B 37 -11.76 8.37 19.33
N ASN B 38 -11.21 8.13 20.52
CA ASN B 38 -11.49 8.98 21.69
C ASN B 38 -10.97 10.43 21.51
N ARG B 39 -10.01 10.61 20.62
CA ARG B 39 -9.42 11.92 20.37
C ARG B 39 -10.24 12.78 19.41
N PHE B 40 -11.24 12.16 18.79
CA PHE B 40 -12.01 12.91 17.80
C PHE B 40 -13.49 13.01 18.01
N ASN B 41 -13.96 14.20 17.68
CA ASN B 41 -15.35 14.57 17.73
C ASN B 41 -15.93 14.16 16.37
N LYS B 42 -15.80 15.05 15.39
CA LYS B 42 -16.29 14.74 14.05
C LYS B 42 -15.18 14.68 13.03
N ILE B 43 -15.38 13.87 12.00
CA ILE B 43 -14.41 13.76 10.90
C ILE B 43 -15.37 13.68 9.71
N ASP B 44 -15.30 14.71 8.86
CA ASP B 44 -16.19 14.82 7.71
C ASP B 44 -15.47 15.30 6.47
N SER B 45 -16.22 15.41 5.37
CA SER B 45 -15.65 15.93 4.14
C SER B 45 -16.70 16.79 3.46
N PHE B 46 -16.25 17.81 2.72
CA PHE B 46 -17.13 18.75 2.02
C PHE B 46 -16.40 19.21 0.76
N GLY B 47 -17.10 19.95 -0.10
CA GLY B 47 -16.48 20.51 -1.28
C GLY B 47 -16.82 21.99 -1.30
N THR B 48 -16.03 22.82 -1.98
CA THR B 48 -16.37 24.25 -2.05
C THR B 48 -17.54 24.45 -3.01
N SER B 49 -17.60 23.61 -4.05
CA SER B 49 -18.67 23.68 -5.04
C SER B 49 -19.86 22.85 -4.58
N ASN B 50 -20.89 22.80 -5.44
CA ASN B 50 -22.09 22.02 -5.18
C ASN B 50 -22.27 20.97 -6.28
N TYR B 51 -21.19 20.65 -6.98
CA TYR B 51 -21.22 19.72 -8.11
C TYR B 51 -21.89 18.39 -7.90
N HIS B 52 -21.70 17.82 -6.71
CA HIS B 52 -22.24 16.50 -6.42
C HIS B 52 -22.97 16.36 -5.09
N VAL B 53 -23.62 17.44 -4.67
CA VAL B 53 -24.32 17.42 -3.40
C VAL B 53 -25.39 16.32 -3.39
N GLY B 54 -25.37 15.51 -2.33
CA GLY B 54 -26.32 14.44 -2.17
C GLY B 54 -25.89 13.13 -2.84
N GLU B 55 -24.82 13.17 -3.63
CA GLU B 55 -24.35 11.99 -4.34
C GLU B 55 -23.28 11.20 -3.60
N SER B 56 -23.22 9.91 -3.91
CA SER B 56 -22.23 8.97 -3.38
C SER B 56 -20.94 9.29 -4.14
N PRO B 57 -19.77 8.98 -3.56
CA PRO B 57 -18.49 9.26 -4.22
C PRO B 57 -18.25 8.56 -5.54
N ASP B 58 -17.24 9.03 -6.28
CA ASP B 58 -16.84 8.49 -7.56
C ASP B 58 -16.54 6.99 -7.37
N HIS B 59 -17.03 6.16 -8.29
CA HIS B 59 -16.79 4.72 -8.21
C HIS B 59 -15.31 4.37 -8.15
N ARG B 60 -14.45 5.22 -8.70
CA ARG B 60 -13.04 4.94 -8.69
C ARG B 60 -12.50 5.13 -7.25
N THR B 61 -13.05 6.10 -6.54
CA THR B 61 -12.63 6.31 -5.16
C THR B 61 -13.16 5.14 -4.30
N VAL B 62 -14.39 4.75 -4.58
CA VAL B 62 -15.05 3.66 -3.87
C VAL B 62 -14.29 2.34 -4.05
N SER B 63 -13.91 2.05 -5.28
CA SER B 63 -13.19 0.83 -5.56
C SER B 63 -11.81 0.80 -4.89
N ILE B 64 -11.07 1.89 -4.97
CA ILE B 64 -9.74 1.94 -4.37
C ILE B 64 -9.85 1.68 -2.86
N CYS B 65 -10.84 2.28 -2.23
CA CYS B 65 -11.04 2.08 -0.80
C CYS B 65 -11.35 0.60 -0.48
N LYS B 66 -12.30 0.01 -1.20
CA LYS B 66 -12.64 -1.41 -0.96
C LYS B 66 -11.42 -2.30 -1.12
N GLN B 67 -10.61 -2.05 -2.14
CA GLN B 67 -9.41 -2.85 -2.37
C GLN B 67 -8.40 -2.72 -1.23
N HIS B 68 -8.63 -1.75 -0.35
CA HIS B 68 -7.73 -1.53 0.76
C HIS B 68 -8.41 -1.82 2.10
N GLY B 69 -9.65 -2.32 2.02
CA GLY B 69 -10.38 -2.64 3.23
C GLY B 69 -10.82 -1.39 3.98
N VAL B 70 -10.88 -0.28 3.26
CA VAL B 70 -11.29 0.98 3.86
C VAL B 70 -12.76 1.20 3.58
N LYS B 71 -13.57 1.31 4.63
CA LYS B 71 -14.99 1.53 4.49
C LYS B 71 -15.22 2.99 4.15
N ILE B 72 -16.22 3.24 3.32
CA ILE B 72 -16.52 4.60 2.90
C ILE B 72 -18.00 4.71 2.69
N ASN B 73 -18.59 5.75 3.27
CA ASN B 73 -20.01 5.98 3.16
C ASN B 73 -20.16 7.49 3.20
N HIS B 74 -20.67 8.07 2.12
CA HIS B 74 -20.75 9.52 2.09
C HIS B 74 -21.71 10.04 1.03
N LYS B 75 -22.27 11.21 1.31
CA LYS B 75 -23.16 11.92 0.40
C LYS B 75 -22.56 13.32 0.26
N GLY B 76 -22.33 13.75 -0.97
CA GLY B 76 -21.75 15.04 -1.22
C GLY B 76 -22.42 16.20 -0.51
N LYS B 77 -21.61 17.13 -0.01
CA LYS B 77 -22.16 18.31 0.63
C LYS B 77 -21.18 19.47 0.53
N GLN B 78 -21.75 20.68 0.55
CA GLN B 78 -21.00 21.91 0.39
C GLN B 78 -20.58 22.62 1.67
N ILE B 79 -19.31 22.98 1.75
CA ILE B 79 -18.82 23.68 2.93
C ILE B 79 -19.41 25.09 2.89
N LYS B 80 -19.81 25.60 4.06
CA LYS B 80 -20.43 26.93 4.17
C LYS B 80 -19.70 27.72 5.23
N THR B 81 -19.77 29.05 5.17
CA THR B 81 -19.04 29.81 6.17
C THR B 81 -19.43 29.45 7.61
N LYS B 82 -20.67 29.03 7.85
CA LYS B 82 -21.02 28.67 9.22
C LYS B 82 -20.23 27.47 9.77
N HIS B 83 -19.64 26.66 8.89
CA HIS B 83 -18.91 25.47 9.32
C HIS B 83 -17.53 25.75 9.88
N PHE B 84 -16.99 26.93 9.58
CA PHE B 84 -15.65 27.26 10.04
C PHE B 84 -15.54 27.41 11.55
N ASP B 85 -16.66 27.61 12.22
CA ASP B 85 -16.59 27.70 13.66
C ASP B 85 -17.11 26.40 14.25
N GLU B 86 -17.07 25.32 13.46
CA GLU B 86 -17.52 24.02 13.93
C GLU B 86 -16.42 22.97 13.89
N TYR B 87 -15.33 23.24 13.16
CA TYR B 87 -14.21 22.31 13.04
C TYR B 87 -12.90 22.94 13.52
N ASP B 88 -11.98 22.12 14.02
CA ASP B 88 -10.68 22.61 14.50
C ASP B 88 -9.68 22.65 13.35
N TYR B 89 -9.84 21.74 12.39
CA TYR B 89 -8.98 21.70 11.22
C TYR B 89 -9.87 21.59 9.99
N ILE B 90 -9.58 22.41 8.99
CA ILE B 90 -10.28 22.33 7.71
C ILE B 90 -9.09 22.15 6.77
N ILE B 91 -8.96 20.91 6.30
CA ILE B 91 -7.84 20.49 5.47
C ILE B 91 -8.12 20.32 3.96
N GLY B 92 -7.44 21.11 3.14
CA GLY B 92 -7.62 21.02 1.70
C GLY B 92 -6.67 20.06 1.01
N MET B 93 -7.01 19.68 -0.22
CA MET B 93 -6.20 18.75 -0.98
C MET B 93 -5.16 19.50 -1.82
N ASP B 94 -5.56 20.57 -2.50
CA ASP B 94 -4.60 21.35 -3.29
C ASP B 94 -4.67 22.84 -2.97
N GLU B 95 -3.73 23.62 -3.51
CA GLU B 95 -3.69 25.05 -3.23
C GLU B 95 -4.92 25.84 -3.64
N SER B 96 -5.56 25.42 -4.73
CA SER B 96 -6.76 26.13 -5.15
C SER B 96 -7.83 25.96 -4.06
N ASN B 97 -7.81 24.80 -3.39
CA ASN B 97 -8.77 24.55 -2.30
C ASN B 97 -8.49 25.51 -1.12
N ILE B 98 -7.21 25.62 -0.74
CA ILE B 98 -6.81 26.50 0.35
C ILE B 98 -7.17 27.97 0.07
N ASN B 99 -6.84 28.45 -1.13
CA ASN B 99 -7.18 29.83 -1.52
C ASN B 99 -8.66 30.11 -1.32
N ASN B 100 -9.53 29.20 -1.76
CA ASN B 100 -10.97 29.39 -1.63
C ASN B 100 -11.41 29.39 -0.17
N LEU B 101 -10.81 28.50 0.61
CA LEU B 101 -11.15 28.34 2.04
C LEU B 101 -10.77 29.55 2.90
N LYS B 102 -9.57 30.07 2.71
CA LYS B 102 -9.11 31.22 3.47
C LYS B 102 -9.94 32.46 3.11
N LYS B 103 -10.48 32.49 1.89
CA LYS B 103 -11.31 33.62 1.49
C LYS B 103 -12.72 33.50 2.10
N ILE B 104 -13.21 32.28 2.25
CA ILE B 104 -14.54 32.08 2.84
C ILE B 104 -14.49 32.27 4.37
N GLN B 105 -13.38 31.84 4.96
CA GLN B 105 -13.17 31.89 6.40
C GLN B 105 -13.39 33.22 7.10
N PRO B 106 -14.37 33.28 8.03
CA PRO B 106 -14.61 34.53 8.75
C PRO B 106 -13.41 34.91 9.62
N GLU B 107 -13.11 36.20 9.65
CA GLU B 107 -11.99 36.71 10.45
C GLU B 107 -12.13 36.28 11.92
N GLY B 108 -11.17 35.50 12.39
CA GLY B 108 -11.22 35.08 13.78
C GLY B 108 -11.99 33.81 14.08
N SER B 109 -12.46 33.11 13.06
CA SER B 109 -13.21 31.86 13.28
C SER B 109 -12.24 30.78 13.79
N LYS B 110 -12.80 29.80 14.48
CA LYS B 110 -12.06 28.68 15.05
C LYS B 110 -11.09 27.93 14.10
N ALA B 111 -11.65 27.23 13.12
CA ALA B 111 -10.88 26.43 12.18
C ALA B 111 -9.51 26.91 11.75
N LYS B 112 -8.60 25.95 11.63
CA LYS B 112 -7.25 26.19 11.16
C LYS B 112 -7.27 25.58 9.73
N VAL B 113 -7.18 26.45 8.72
CA VAL B 113 -7.18 26.02 7.32
C VAL B 113 -5.78 25.65 6.82
N CYS B 114 -5.60 24.40 6.38
CA CYS B 114 -4.29 23.99 5.90
C CYS B 114 -4.34 22.89 4.84
N LEU B 115 -3.24 22.77 4.12
CA LEU B 115 -3.07 21.78 3.07
C LEU B 115 -2.73 20.45 3.77
N PHE B 116 -3.32 19.36 3.31
CA PHE B 116 -3.03 18.07 3.95
C PHE B 116 -1.55 17.80 3.86
N GLY B 117 -0.95 18.19 2.73
CA GLY B 117 0.46 17.99 2.49
C GLY B 117 1.39 18.75 3.42
N ASP B 118 0.81 19.65 4.21
CA ASP B 118 1.59 20.40 5.18
C ASP B 118 2.19 19.41 6.19
N TRP B 119 1.65 18.19 6.23
CA TRP B 119 2.14 17.16 7.15
C TRP B 119 3.09 16.22 6.44
N ASN B 120 3.47 16.57 5.22
CA ASN B 120 4.39 15.77 4.46
C ASN B 120 5.73 15.89 5.13
N THR B 121 6.59 14.91 4.92
CA THR B 121 7.92 14.91 5.50
C THR B 121 8.88 15.45 4.48
N ASN B 122 8.42 15.55 3.23
CA ASN B 122 9.27 16.07 2.18
C ASN B 122 10.52 15.23 2.02
N ASP B 123 10.43 13.96 2.41
CA ASP B 123 11.57 13.09 2.29
C ASP B 123 11.52 12.35 0.94
N GLY B 124 10.59 12.78 0.08
CA GLY B 124 10.45 12.20 -1.24
C GLY B 124 9.55 10.98 -1.39
N THR B 125 8.83 10.65 -0.33
CA THR B 125 7.94 9.49 -0.39
C THR B 125 6.73 9.82 -1.26
N VAL B 126 6.09 10.95 -0.97
CA VAL B 126 4.94 11.39 -1.72
C VAL B 126 4.99 12.89 -2.01
N GLN B 127 4.29 13.30 -3.06
CA GLN B 127 4.20 14.68 -3.44
C GLN B 127 3.27 15.34 -2.45
N THR B 128 3.52 16.60 -2.19
CA THR B 128 2.72 17.37 -1.25
C THR B 128 1.30 17.66 -1.75
N ILE B 129 1.15 17.95 -3.03
CA ILE B 129 -0.18 18.27 -3.51
C ILE B 129 -0.98 17.02 -3.91
N ILE B 130 -2.24 16.97 -3.50
CA ILE B 130 -3.11 15.86 -3.83
C ILE B 130 -3.94 16.36 -5.00
N GLU B 131 -3.45 16.05 -6.19
CA GLU B 131 -4.05 16.45 -7.46
C GLU B 131 -5.37 15.79 -7.78
N ASP B 132 -6.31 16.60 -8.28
CA ASP B 132 -7.64 16.16 -8.62
C ASP B 132 -7.52 15.07 -9.70
N PRO B 133 -8.01 13.84 -9.41
CA PRO B 133 -7.96 12.72 -10.37
C PRO B 133 -9.12 12.68 -11.37
N TRP B 134 -10.09 13.57 -11.19
CA TRP B 134 -11.30 13.64 -12.02
C TRP B 134 -11.10 13.44 -13.51
N TYR B 135 -10.19 14.20 -14.14
CA TYR B 135 -9.94 14.08 -15.57
C TYR B 135 -8.89 13.04 -15.86
N GLY B 136 -8.44 12.34 -14.81
CA GLY B 136 -7.41 11.33 -15.01
C GLY B 136 -7.95 9.92 -15.01
N ASP B 137 -7.19 8.95 -14.51
CA ASP B 137 -7.72 7.59 -14.48
C ASP B 137 -7.50 6.93 -13.13
N ILE B 138 -7.86 5.66 -13.02
CA ILE B 138 -7.73 4.92 -11.75
C ILE B 138 -6.36 5.06 -11.05
N GLN B 139 -5.26 5.09 -11.80
CA GLN B 139 -3.92 5.17 -11.20
C GLN B 139 -3.70 6.47 -10.40
N ASP B 140 -4.42 7.52 -10.78
CA ASP B 140 -4.33 8.81 -10.10
C ASP B 140 -5.08 8.72 -8.77
N PHE B 141 -6.15 7.92 -8.75
CA PHE B 141 -6.93 7.71 -7.52
C PHE B 141 -6.07 6.89 -6.55
N GLU B 142 -5.36 5.90 -7.10
CA GLU B 142 -4.48 5.03 -6.33
C GLU B 142 -3.37 5.86 -5.67
N TYR B 143 -2.78 6.79 -6.42
CA TYR B 143 -1.71 7.64 -5.88
C TYR B 143 -2.31 8.58 -4.83
N ASN B 144 -3.56 9.01 -5.03
CA ASN B 144 -4.19 9.87 -4.05
C ASN B 144 -4.29 9.08 -2.73
N PHE B 145 -4.65 7.81 -2.86
CA PHE B 145 -4.81 6.95 -1.68
C PHE B 145 -3.49 6.88 -0.91
N LYS B 146 -2.39 6.68 -1.64
CA LYS B 146 -1.06 6.58 -1.05
C LYS B 146 -0.72 7.87 -0.28
N GLN B 147 -0.98 9.01 -0.89
CA GLN B 147 -0.72 10.31 -0.30
C GLN B 147 -1.51 10.56 0.99
N ILE B 148 -2.83 10.36 0.89
CA ILE B 148 -3.77 10.57 1.99
C ILE B 148 -3.46 9.71 3.19
N THR B 149 -3.05 8.48 2.94
CA THR B 149 -2.71 7.55 4.01
C THR B 149 -1.45 8.04 4.72
N TYR B 150 -0.46 8.45 3.94
CA TYR B 150 0.80 8.93 4.49
C TYR B 150 0.58 10.16 5.35
N PHE B 151 -0.17 11.16 4.84
CA PHE B 151 -0.45 12.37 5.61
C PHE B 151 -1.36 12.13 6.82
N SER B 152 -2.22 11.11 6.74
CA SER B 152 -3.13 10.77 7.84
C SER B 152 -2.29 10.32 9.04
N LYS B 153 -1.34 9.45 8.75
CA LYS B 153 -0.46 8.92 9.78
C LYS B 153 0.41 10.03 10.38
N GLN B 154 0.84 10.97 9.54
CA GLN B 154 1.67 12.08 10.02
C GLN B 154 0.87 12.99 10.96
N PHE B 155 -0.37 13.28 10.60
CA PHE B 155 -1.25 14.13 11.37
C PHE B 155 -1.49 13.53 12.76
N LEU B 156 -1.77 12.22 12.79
CA LEU B 156 -2.04 11.54 14.05
C LEU B 156 -0.80 11.54 14.95
N LYS B 157 0.35 11.51 14.29
CA LYS B 157 1.63 11.50 14.98
C LYS B 157 2.10 12.91 15.42
N LYS B 158 1.58 13.95 14.78
CA LYS B 158 1.99 15.31 15.12
C LYS B 158 1.00 16.17 15.90
N GLU B 159 -0.30 16.01 15.68
CA GLU B 159 -1.31 16.82 16.34
C GLU B 159 -1.94 16.34 17.64
N LEU B 160 -1.71 15.09 18.04
CA LEU B 160 -2.37 14.58 19.25
C LEU B 160 -1.54 14.58 20.53
#